data_4KNR
#
_entry.id   4KNR
#
_cell.length_a   109.345
_cell.length_b   109.345
_cell.length_c   328.048
_cell.angle_alpha   90.00
_cell.angle_beta   90.00
_cell.angle_gamma   120.00
#
_symmetry.space_group_name_H-M   'H 3 2'
#
loop_
_entity.id
_entity.type
_entity.pdbx_description
1 polymer 'Bifunctional protein GlmU'
2 non-polymer N-{4-[(2-benzyl-7-hydroxy-6-methoxyquinazolin-4-yl)amino]phenyl}benzamide
3 non-polymer 'TETRAETHYLENE GLYCOL'
4 non-polymer 'MAGNESIUM ION'
5 non-polymer 'SULFATE ION'
6 water water
#
_entity_poly.entity_id   1
_entity_poly.type   'polypeptide(L)'
_entity_poly.pdbx_seq_one_letter_code
;MTKKALSAVILAAGKGTRMYSDLPKVLHTIAGKPMVKHVIDTAHQLGSENIHLIYGHGGDLMRTHLANEQVNWVLQTEQL
GTAHAVQQAAPFFKDNENIVVLYGDAPLITKETLEKLIEAKPENGIALLTVNLDNPTGYGRIIRENGNVVAIVEQKDANA
EQLNIKEVNTGVMVSDGASFKKWLARVGNNNAQGEYYLTDLIALANQDNCQVVAVQATDVMEVEGANNRLQLAALERYFQ
NKQASKLLLEGVMIYDPARFDLRGTLEHGKDVEIDVNVIIEGNVKLGDRVKIGTGCVLKNVVIGNDVEIKPYSVLEDSIV
GEKAAIGPFSRLRPGAELAAETHVGNFVEIKKSTVGKGSKVNHLTYVGDSEIGSNCNIGAGVITCNYDGANKFKTIIGDD
VFVGSDTQLVAPVKVANGATIGAGTTITRDVGENELVITRVAQRHIQGWQRPIKKK
;
_entity_poly.pdbx_strand_id   A
#
loop_
_chem_comp.id
_chem_comp.type
_chem_comp.name
_chem_comp.formula
1S8 non-polymer N-{4-[(2-benzyl-7-hydroxy-6-methoxyquinazolin-4-yl)amino]phenyl}benzamide 'C29 H24 N4 O3'
MG non-polymer 'MAGNESIUM ION' 'Mg 2'
PG4 non-polymer 'TETRAETHYLENE GLYCOL' 'C8 H18 O5'
SO4 non-polymer 'SULFATE ION' 'O4 S -2'
#
# COMPACT_ATOMS: atom_id res chain seq x y z
N LYS A 4 30.86 2.18 6.09
CA LYS A 4 31.13 2.52 4.66
C LYS A 4 29.83 2.96 3.97
N ALA A 5 29.84 4.12 3.31
CA ALA A 5 28.64 4.68 2.68
C ALA A 5 28.07 3.77 1.60
N LEU A 6 26.79 3.98 1.27
CA LEU A 6 26.08 3.16 0.29
C LEU A 6 25.26 4.02 -0.64
N SER A 7 25.13 3.56 -1.88
CA SER A 7 24.17 4.12 -2.84
C SER A 7 23.62 2.94 -3.65
N ALA A 8 22.49 3.16 -4.31
CA ALA A 8 21.85 2.11 -5.09
C ALA A 8 21.60 2.58 -6.52
N VAL A 9 21.55 1.62 -7.45
CA VAL A 9 21.15 1.84 -8.83
C VAL A 9 19.96 0.91 -9.08
N ILE A 10 18.87 1.43 -9.64
CA ILE A 10 17.65 0.65 -9.82
C ILE A 10 17.32 0.67 -11.30
N LEU A 11 17.23 -0.52 -11.92
CA LEU A 11 16.91 -0.63 -13.33
C LEU A 11 15.38 -0.63 -13.52
N ALA A 12 14.89 0.38 -14.26
CA ALA A 12 13.45 0.64 -14.33
C ALA A 12 12.97 1.10 -15.71
N ALA A 13 13.75 0.82 -16.75
CA ALA A 13 13.52 1.38 -18.09
C ALA A 13 12.55 0.56 -18.99
N GLY A 14 12.22 -0.66 -18.59
CA GLY A 14 11.50 -1.59 -19.47
C GLY A 14 10.05 -1.24 -19.78
N LYS A 15 9.60 -1.63 -20.98
CA LYS A 15 8.26 -1.30 -21.46
C LYS A 15 7.17 -2.17 -20.83
N GLY A 16 7.49 -3.43 -20.53
CA GLY A 16 6.50 -4.37 -20.03
C GLY A 16 5.39 -4.64 -21.04
N THR A 17 5.81 -4.95 -22.27
CA THR A 17 4.90 -5.23 -23.37
C THR A 17 3.79 -6.21 -22.97
N ARG A 18 4.19 -7.28 -22.28
CA ARG A 18 3.28 -8.37 -21.90
C ARG A 18 2.25 -8.04 -20.79
N MET A 19 2.31 -6.82 -20.24
CA MET A 19 1.26 -6.30 -19.35
C MET A 19 0.07 -5.76 -20.14
N TYR A 20 0.29 -5.51 -21.44
CA TYR A 20 -0.74 -4.93 -22.31
C TYR A 20 -1.39 -3.73 -21.63
N SER A 21 -0.54 -2.73 -21.35
CA SER A 21 -0.91 -1.57 -20.57
C SER A 21 -0.28 -0.29 -21.16
N ASP A 22 -0.90 0.85 -20.86
CA ASP A 22 -0.33 2.15 -21.17
C ASP A 22 0.66 2.59 -20.07
N LEU A 23 0.69 1.87 -18.94
CA LEU A 23 1.66 2.14 -17.87
C LEU A 23 2.96 1.44 -18.22
N PRO A 24 4.11 2.06 -17.89
CA PRO A 24 5.35 1.30 -17.99
C PRO A 24 5.41 0.24 -16.91
N LYS A 25 6.34 -0.70 -17.06
CA LYS A 25 6.34 -1.96 -16.32
C LYS A 25 6.34 -1.81 -14.80
N VAL A 26 7.18 -0.91 -14.29
CA VAL A 26 7.43 -0.86 -12.85
C VAL A 26 6.42 -0.02 -12.06
N LEU A 27 5.47 0.62 -12.75
CA LEU A 27 4.44 1.40 -12.06
C LEU A 27 3.24 0.57 -11.61
N HIS A 28 3.07 -0.63 -12.17
CA HIS A 28 2.02 -1.55 -11.69
C HIS A 28 2.26 -1.85 -10.22
N THR A 29 1.16 -1.99 -9.47
CA THR A 29 1.23 -1.99 -8.03
C THR A 29 1.28 -3.38 -7.41
N ILE A 30 1.93 -3.45 -6.26
CA ILE A 30 1.82 -4.57 -5.33
C ILE A 30 1.41 -3.97 -3.99
N ALA A 31 0.29 -4.45 -3.46
CA ALA A 31 -0.25 -3.97 -2.20
C ALA A 31 -0.46 -2.47 -2.25
N GLY A 32 -0.97 -1.99 -3.38
CA GLY A 32 -1.31 -0.57 -3.56
C GLY A 32 -0.15 0.39 -3.82
N LYS A 33 1.06 -0.14 -3.98
CA LYS A 33 2.26 0.68 -4.19
C LYS A 33 3.04 0.20 -5.43
N PRO A 34 3.46 1.13 -6.31
CA PRO A 34 4.19 0.70 -7.50
C PRO A 34 5.38 -0.20 -7.16
N MET A 35 5.61 -1.23 -7.98
CA MET A 35 6.76 -2.13 -7.79
C MET A 35 8.07 -1.40 -7.56
N VAL A 36 8.34 -0.34 -8.33
CA VAL A 36 9.60 0.40 -8.19
C VAL A 36 9.68 1.17 -6.87
N LYS A 37 8.53 1.55 -6.30
CA LYS A 37 8.51 2.27 -5.02
C LYS A 37 8.88 1.31 -3.90
N HIS A 38 8.47 0.05 -4.02
CA HIS A 38 8.92 -0.99 -3.08
C HIS A 38 10.45 -1.01 -3.01
N VAL A 39 11.11 -0.99 -4.17
CA VAL A 39 12.58 -1.06 -4.25
C VAL A 39 13.24 0.23 -3.76
N ILE A 40 12.72 1.38 -4.19
CA ILE A 40 13.20 2.67 -3.67
C ILE A 40 13.12 2.70 -2.13
N ASP A 41 11.97 2.33 -1.58
CA ASP A 41 11.79 2.31 -0.12
C ASP A 41 12.77 1.33 0.55
N THR A 42 12.90 0.13 0.01
CA THR A 42 13.90 -0.82 0.49
C THR A 42 15.32 -0.20 0.44
N ALA A 43 15.65 0.46 -0.66
CA ALA A 43 16.97 1.07 -0.82
C ALA A 43 17.17 2.20 0.19
N HIS A 44 16.08 2.89 0.54
CA HIS A 44 16.15 3.94 1.55
C HIS A 44 16.32 3.35 2.96
N GLN A 45 15.59 2.27 3.26
CA GLN A 45 15.76 1.52 4.53
C GLN A 45 17.19 1.00 4.77
N LEU A 46 17.88 0.61 3.70
CA LEU A 46 19.28 0.18 3.77
C LEU A 46 20.23 1.33 4.12
N GLY A 47 19.79 2.57 3.90
CA GLY A 47 20.62 3.74 4.20
C GLY A 47 21.32 4.30 2.97
N SER A 48 20.78 4.03 1.79
CA SER A 48 21.37 4.56 0.56
C SER A 48 21.41 6.08 0.60
N GLU A 49 22.51 6.64 0.15
CA GLU A 49 22.74 8.07 0.17
C GLU A 49 22.20 8.67 -1.13
N ASN A 50 22.44 7.98 -2.24
CA ASN A 50 21.82 8.30 -3.51
C ASN A 50 21.08 7.07 -4.04
N ILE A 51 20.02 7.31 -4.80
CA ILE A 51 19.34 6.26 -5.54
C ILE A 51 19.29 6.73 -6.99
N HIS A 52 20.01 6.02 -7.86
CA HIS A 52 20.04 6.37 -9.28
C HIS A 52 19.01 5.51 -9.98
N LEU A 53 18.01 6.17 -10.56
CA LEU A 53 16.90 5.48 -11.22
C LEU A 53 17.08 5.52 -12.73
N ILE A 54 17.40 4.37 -13.30
CA ILE A 54 17.52 4.22 -14.75
C ILE A 54 16.09 4.07 -15.29
N TYR A 55 15.61 5.05 -16.03
CA TYR A 55 14.26 5.01 -16.59
C TYR A 55 14.33 5.25 -18.09
N GLY A 56 13.23 4.97 -18.79
CA GLY A 56 13.22 5.02 -20.25
C GLY A 56 11.81 5.05 -20.79
N HIS A 57 11.23 3.86 -21.02
CA HIS A 57 9.85 3.77 -21.50
C HIS A 57 8.88 4.33 -20.48
N GLY A 58 7.89 5.07 -20.95
CA GLY A 58 6.89 5.68 -20.08
C GLY A 58 7.51 6.76 -19.20
N GLY A 59 8.44 7.51 -19.79
CA GLY A 59 9.25 8.50 -19.06
C GLY A 59 8.45 9.60 -18.38
N ASP A 60 7.48 10.16 -19.08
CA ASP A 60 6.64 11.23 -18.50
C ASP A 60 5.73 10.70 -17.39
N LEU A 61 5.22 9.48 -17.57
CA LEU A 61 4.43 8.83 -16.54
C LEU A 61 5.25 8.51 -15.28
N MET A 62 6.50 8.08 -15.46
CA MET A 62 7.38 7.80 -14.33
C MET A 62 7.60 9.09 -13.52
N ARG A 63 7.87 10.18 -14.23
CA ARG A 63 8.12 11.49 -13.63
C ARG A 63 6.87 12.00 -12.89
N THR A 64 5.71 11.78 -13.49
CA THR A 64 4.43 12.18 -12.90
C THR A 64 4.11 11.40 -11.63
N HIS A 65 4.21 10.07 -11.73
CA HIS A 65 3.85 9.17 -10.63
C HIS A 65 4.86 9.09 -9.49
N LEU A 66 6.12 9.40 -9.78
CA LEU A 66 7.20 9.28 -8.78
C LEU A 66 7.84 10.64 -8.49
N ALA A 67 7.07 11.71 -8.73
CA ALA A 67 7.59 13.09 -8.70
C ALA A 67 8.29 13.48 -7.41
N ASN A 68 7.82 12.93 -6.29
CA ASN A 68 8.36 13.29 -4.98
C ASN A 68 9.42 12.33 -4.43
N GLU A 69 9.84 11.36 -5.25
CA GLU A 69 10.88 10.42 -4.83
C GLU A 69 12.25 11.08 -4.88
N GLN A 70 13.07 10.79 -3.88
CA GLN A 70 14.42 11.34 -3.80
C GLN A 70 15.38 10.46 -4.58
N VAL A 71 15.31 10.55 -5.90
CA VAL A 71 16.14 9.74 -6.79
C VAL A 71 16.83 10.64 -7.79
N ASN A 72 17.97 10.16 -8.30
CA ASN A 72 18.63 10.77 -9.44
C ASN A 72 18.05 10.16 -10.74
N TRP A 73 17.49 11.01 -11.62
CA TRP A 73 16.78 10.56 -12.82
C TRP A 73 17.71 10.39 -14.00
N VAL A 74 18.11 9.15 -14.24
CA VAL A 74 19.05 8.82 -15.29
C VAL A 74 18.31 8.19 -16.48
N LEU A 75 18.18 8.94 -17.57
CA LEU A 75 17.41 8.51 -18.74
C LEU A 75 18.21 7.64 -19.70
N GLN A 76 17.71 6.43 -19.93
CA GLN A 76 18.25 5.51 -20.93
C GLN A 76 17.46 5.70 -22.22
N THR A 77 18.17 6.03 -23.30
CA THR A 77 17.53 6.29 -24.60
C THR A 77 17.57 5.07 -25.54
N GLU A 78 18.35 4.05 -25.19
CA GLU A 78 18.49 2.87 -26.04
C GLU A 78 18.94 1.65 -25.22
N GLN A 79 18.36 0.49 -25.52
CA GLN A 79 18.64 -0.75 -24.81
C GLN A 79 19.94 -1.39 -25.31
N LEU A 80 21.02 -1.19 -24.56
CA LEU A 80 22.31 -1.81 -24.87
C LEU A 80 22.75 -2.76 -23.74
N GLY A 81 21.81 -3.16 -22.89
CA GLY A 81 22.10 -4.14 -21.84
C GLY A 81 22.39 -3.54 -20.48
N THR A 82 22.48 -4.43 -19.49
CA THR A 82 22.48 -4.03 -18.09
C THR A 82 23.77 -3.31 -17.69
N ALA A 83 24.90 -3.70 -18.28
CA ALA A 83 26.18 -3.03 -18.03
C ALA A 83 26.15 -1.59 -18.53
N HIS A 84 25.58 -1.38 -19.72
CA HIS A 84 25.46 -0.05 -20.28
C HIS A 84 24.50 0.83 -19.47
N ALA A 85 23.43 0.23 -18.97
CA ALA A 85 22.46 0.93 -18.13
C ALA A 85 23.13 1.46 -16.85
N VAL A 86 23.78 0.57 -16.11
CA VAL A 86 24.50 0.94 -14.87
C VAL A 86 25.61 1.98 -15.13
N GLN A 87 26.28 1.89 -16.28
CA GLN A 87 27.35 2.84 -16.62
C GLN A 87 26.86 4.27 -16.83
N GLN A 88 25.57 4.45 -17.09
CA GLN A 88 25.04 5.80 -17.21
C GLN A 88 24.95 6.49 -15.84
N ALA A 89 24.89 5.70 -14.77
CA ALA A 89 24.87 6.21 -13.40
C ALA A 89 26.29 6.29 -12.82
N ALA A 90 27.22 5.55 -13.43
CA ALA A 90 28.58 5.39 -12.91
C ALA A 90 29.34 6.68 -12.60
N PRO A 91 29.23 7.70 -13.47
CA PRO A 91 29.89 8.97 -13.18
C PRO A 91 29.53 9.60 -11.84
N PHE A 92 28.39 9.21 -11.28
CA PHE A 92 27.94 9.72 -9.96
C PHE A 92 28.34 8.82 -8.79
N PHE A 93 28.92 7.65 -9.07
CA PHE A 93 29.43 6.77 -8.00
C PHE A 93 30.64 7.42 -7.36
N LYS A 94 30.66 7.42 -6.03
CA LYS A 94 31.86 7.79 -5.29
C LYS A 94 32.79 6.58 -5.30
N ASP A 95 34.08 6.83 -5.53
CA ASP A 95 35.08 5.76 -5.58
C ASP A 95 34.99 4.86 -4.37
N ASN A 96 34.91 5.48 -3.20
CA ASN A 96 34.56 4.78 -1.99
C ASN A 96 33.07 4.97 -1.81
N GLU A 97 32.42 3.96 -1.23
CA GLU A 97 30.96 3.81 -1.14
C GLU A 97 30.64 2.57 -1.95
N ASN A 98 29.85 1.67 -1.35
CA ASN A 98 29.33 0.53 -2.05
C ASN A 98 28.15 0.93 -2.92
N ILE A 99 28.01 0.26 -4.06
CA ILE A 99 26.86 0.40 -4.94
C ILE A 99 26.16 -0.94 -4.99
N VAL A 100 24.86 -0.97 -4.67
CA VAL A 100 24.02 -2.15 -4.86
C VAL A 100 23.17 -1.98 -6.13
N VAL A 101 23.12 -3.02 -6.96
CA VAL A 101 22.31 -3.00 -8.19
C VAL A 101 21.01 -3.78 -7.97
N LEU A 102 19.88 -3.15 -8.30
CA LEU A 102 18.55 -3.74 -8.07
C LEU A 102 17.65 -3.52 -9.28
N TYR A 103 16.51 -4.23 -9.30
CA TYR A 103 15.62 -4.21 -10.46
C TYR A 103 14.22 -3.79 -10.04
N GLY A 104 13.70 -2.75 -10.70
CA GLY A 104 12.41 -2.16 -10.34
C GLY A 104 11.21 -3.06 -10.59
N ASP A 105 11.42 -4.14 -11.37
CA ASP A 105 10.38 -5.13 -11.63
C ASP A 105 10.57 -6.44 -10.82
N ALA A 106 11.47 -6.42 -9.83
CA ALA A 106 11.59 -7.48 -8.82
C ALA A 106 11.46 -6.81 -7.46
N PRO A 107 10.22 -6.60 -6.98
CA PRO A 107 9.97 -5.66 -5.89
C PRO A 107 10.09 -6.19 -4.46
N LEU A 108 10.15 -7.51 -4.28
CA LEU A 108 10.04 -8.09 -2.95
C LEU A 108 11.39 -8.37 -2.26
N ILE A 109 12.49 -7.91 -2.88
CA ILE A 109 13.83 -8.04 -2.29
C ILE A 109 13.84 -7.34 -0.92
N THR A 110 14.23 -8.07 0.13
CA THR A 110 14.17 -7.54 1.51
C THR A 110 15.46 -6.84 1.96
N LYS A 111 15.29 -5.82 2.79
CA LYS A 111 16.41 -5.15 3.44
C LYS A 111 17.34 -6.16 4.14
N GLU A 112 16.73 -7.14 4.81
CA GLU A 112 17.47 -8.16 5.57
C GLU A 112 18.44 -8.95 4.67
N THR A 113 17.96 -9.38 3.50
CA THR A 113 18.81 -10.09 2.54
C THR A 113 19.92 -9.19 2.00
N LEU A 114 19.59 -7.93 1.71
CA LEU A 114 20.55 -7.00 1.12
C LEU A 114 21.68 -6.57 2.07
N GLU A 115 21.39 -6.36 3.35
CA GLU A 115 22.46 -6.02 4.30
C GLU A 115 23.37 -7.23 4.61
N LYS A 116 22.83 -8.45 4.45
CA LYS A 116 23.64 -9.67 4.51
C LYS A 116 24.52 -9.83 3.25
N LEU A 117 24.00 -9.39 2.10
CA LEU A 117 24.77 -9.34 0.85
C LEU A 117 25.91 -8.33 0.96
N ILE A 118 25.60 -7.15 1.49
CA ILE A 118 26.59 -6.08 1.62
C ILE A 118 27.71 -6.46 2.59
N GLU A 119 27.35 -7.10 3.70
CA GLU A 119 28.34 -7.60 4.67
C GLU A 119 29.36 -8.58 4.05
N ALA A 120 28.88 -9.48 3.19
CA ALA A 120 29.75 -10.51 2.59
C ALA A 120 30.74 -9.98 1.55
N LYS A 121 30.56 -8.73 1.09
CA LYS A 121 31.42 -8.16 0.04
C LYS A 121 32.86 -8.00 0.53
N PRO A 122 33.81 -8.69 -0.12
CA PRO A 122 35.24 -8.49 0.22
C PRO A 122 35.78 -7.21 -0.39
N GLU A 123 36.69 -6.54 0.31
CA GLU A 123 37.25 -5.28 -0.15
C GLU A 123 37.80 -5.42 -1.59
N ASN A 124 37.44 -4.46 -2.44
CA ASN A 124 37.80 -4.45 -3.86
C ASN A 124 37.23 -5.62 -4.68
N GLY A 125 36.24 -6.32 -4.11
CA GLY A 125 35.61 -7.46 -4.77
C GLY A 125 34.15 -7.21 -5.09
N ILE A 126 33.41 -8.31 -5.27
CA ILE A 126 31.99 -8.28 -5.60
C ILE A 126 31.24 -9.27 -4.70
N ALA A 127 30.05 -8.87 -4.23
CA ALA A 127 29.14 -9.80 -3.57
C ALA A 127 27.96 -10.06 -4.49
N LEU A 128 27.71 -11.33 -4.83
CA LEU A 128 26.67 -11.70 -5.78
C LEU A 128 25.54 -12.44 -5.04
N LEU A 129 24.30 -11.98 -5.24
CA LEU A 129 23.12 -12.65 -4.67
C LEU A 129 22.74 -13.81 -5.57
N THR A 130 22.66 -15.00 -4.99
CA THR A 130 22.31 -16.21 -5.74
C THR A 130 21.10 -16.88 -5.10
N VAL A 131 20.51 -17.83 -5.82
CA VAL A 131 19.37 -18.58 -5.30
C VAL A 131 19.40 -20.01 -5.83
N ASN A 132 18.91 -20.96 -5.04
CA ASN A 132 18.83 -22.36 -5.48
C ASN A 132 17.45 -22.68 -6.02
N LEU A 133 17.42 -23.23 -7.23
CA LEU A 133 16.17 -23.68 -7.86
C LEU A 133 16.18 -25.19 -7.99
N ASP A 134 15.01 -25.81 -7.91
CA ASP A 134 14.88 -27.25 -8.14
C ASP A 134 15.05 -27.55 -9.63
N ASN A 135 14.43 -26.73 -10.47
CA ASN A 135 14.64 -26.76 -11.92
C ASN A 135 15.30 -25.44 -12.36
N PRO A 136 16.65 -25.43 -12.47
CA PRO A 136 17.36 -24.20 -12.82
C PRO A 136 17.49 -23.94 -14.34
N THR A 137 16.65 -24.57 -15.16
CA THR A 137 16.75 -24.45 -16.62
C THR A 137 16.44 -23.05 -17.11
N GLY A 138 17.37 -22.47 -17.87
CA GLY A 138 17.24 -21.10 -18.37
C GLY A 138 18.09 -20.08 -17.62
N TYR A 139 18.50 -20.40 -16.40
CA TYR A 139 19.22 -19.47 -15.53
C TYR A 139 20.73 -19.76 -15.48
N GLY A 140 21.54 -18.70 -15.33
CA GLY A 140 23.00 -18.83 -15.34
C GLY A 140 23.54 -19.45 -14.07
N ARG A 141 24.36 -20.49 -14.21
CA ARG A 141 24.78 -21.31 -13.06
C ARG A 141 25.99 -20.69 -12.39
N ILE A 142 26.02 -20.76 -11.06
CA ILE A 142 27.15 -20.28 -10.28
C ILE A 142 28.21 -21.39 -10.21
N ILE A 143 29.42 -21.08 -10.66
CA ILE A 143 30.56 -22.00 -10.59
C ILE A 143 31.53 -21.54 -9.50
N ARG A 144 31.71 -22.38 -8.48
CA ARG A 144 32.58 -22.06 -7.33
C ARG A 144 33.95 -22.73 -7.39
N GLU A 145 34.95 -22.10 -6.79
CA GLU A 145 36.33 -22.61 -6.75
C GLU A 145 37.22 -21.83 -5.76
N ASN A 146 37.31 -22.26 -4.50
CA ASN A 146 36.28 -23.04 -3.80
C ASN A 146 35.60 -22.05 -2.87
N GLY A 147 34.27 -22.13 -2.77
CA GLY A 147 33.49 -21.14 -2.02
C GLY A 147 33.43 -19.76 -2.68
N ASN A 148 34.26 -19.52 -3.70
CA ASN A 148 34.30 -18.23 -4.41
C ASN A 148 33.89 -18.38 -5.88
N VAL A 149 33.05 -17.45 -6.34
CA VAL A 149 32.47 -17.52 -7.68
C VAL A 149 33.53 -17.19 -8.72
N VAL A 150 33.74 -18.12 -9.65
CA VAL A 150 34.73 -17.97 -10.71
C VAL A 150 34.07 -17.62 -12.04
N ALA A 151 32.81 -18.04 -12.23
CA ALA A 151 32.10 -17.80 -13.48
C ALA A 151 30.58 -17.99 -13.31
N ILE A 152 29.83 -17.39 -14.24
CA ILE A 152 28.41 -17.63 -14.39
C ILE A 152 28.21 -18.24 -15.77
N VAL A 153 27.85 -19.52 -15.81
CA VAL A 153 27.73 -20.25 -17.08
C VAL A 153 26.26 -20.29 -17.50
N GLU A 154 25.96 -19.69 -18.65
CA GLU A 154 24.59 -19.62 -19.14
C GLU A 154 24.11 -20.99 -19.65
N GLN A 155 22.80 -21.16 -19.69
CA GLN A 155 22.17 -22.45 -20.06
C GLN A 155 22.82 -23.11 -21.25
N LYS A 156 22.97 -22.34 -22.34
CA LYS A 156 23.44 -22.88 -23.63
C LYS A 156 24.91 -23.31 -23.66
N ASP A 157 25.71 -22.79 -22.74
CA ASP A 157 27.15 -23.08 -22.69
C ASP A 157 27.53 -24.20 -21.72
N ALA A 158 26.59 -24.65 -20.89
CA ALA A 158 26.92 -25.53 -19.77
C ALA A 158 26.99 -27.01 -20.15
N ASN A 159 28.06 -27.67 -19.71
CA ASN A 159 28.22 -29.12 -19.91
C ASN A 159 27.22 -29.93 -19.06
N ALA A 160 27.19 -31.24 -19.27
CA ALA A 160 26.23 -32.12 -18.60
C ALA A 160 26.19 -31.94 -17.08
N GLU A 161 27.35 -31.82 -16.44
CA GLU A 161 27.42 -31.72 -14.97
C GLU A 161 27.15 -30.31 -14.44
N GLN A 162 27.47 -29.29 -15.24
CA GLN A 162 27.16 -27.90 -14.89
C GLN A 162 25.66 -27.62 -14.94
N LEU A 163 24.96 -28.28 -15.86
CA LEU A 163 23.50 -28.20 -15.93
C LEU A 163 22.83 -28.70 -14.64
N ASN A 164 23.50 -29.59 -13.90
CA ASN A 164 22.99 -30.07 -12.61
C ASN A 164 23.32 -29.16 -11.41
N ILE A 165 24.03 -28.06 -11.66
CA ILE A 165 24.21 -27.03 -10.63
C ILE A 165 22.87 -26.32 -10.46
N LYS A 166 22.35 -26.34 -9.23
CA LYS A 166 21.03 -25.77 -8.92
C LYS A 166 21.12 -24.31 -8.49
N GLU A 167 22.31 -23.85 -8.10
CA GLU A 167 22.52 -22.46 -7.69
C GLU A 167 22.67 -21.54 -8.91
N VAL A 168 21.89 -20.47 -8.94
CA VAL A 168 21.83 -19.57 -10.10
C VAL A 168 22.04 -18.09 -9.75
N ASN A 169 22.33 -17.30 -10.79
CA ASN A 169 22.50 -15.85 -10.67
C ASN A 169 21.15 -15.13 -10.61
N THR A 170 21.03 -14.16 -9.71
CA THR A 170 19.81 -13.33 -9.59
C THR A 170 19.93 -12.01 -10.36
N GLY A 171 21.16 -11.52 -10.53
CA GLY A 171 21.38 -10.22 -11.15
C GLY A 171 21.76 -9.15 -10.14
N VAL A 172 21.50 -9.42 -8.86
CA VAL A 172 21.73 -8.47 -7.78
C VAL A 172 23.15 -8.62 -7.28
N MET A 173 23.79 -7.49 -7.03
CA MET A 173 25.24 -7.41 -7.00
C MET A 173 25.64 -6.19 -6.18
N VAL A 174 26.72 -6.32 -5.41
CA VAL A 174 27.30 -5.18 -4.68
C VAL A 174 28.81 -5.10 -4.92
N SER A 175 29.30 -3.92 -5.27
CA SER A 175 30.74 -3.66 -5.32
C SER A 175 30.99 -2.18 -5.14
N ASP A 176 32.23 -1.81 -4.83
CA ASP A 176 32.57 -0.41 -4.59
C ASP A 176 32.54 0.38 -5.89
N GLY A 177 32.39 1.70 -5.77
CA GLY A 177 32.16 2.56 -6.93
C GLY A 177 33.36 2.64 -7.86
N ALA A 178 34.56 2.72 -7.28
CA ALA A 178 35.79 2.71 -8.07
C ALA A 178 35.88 1.46 -8.95
N SER A 179 35.55 0.31 -8.37
CA SER A 179 35.57 -0.97 -9.09
C SER A 179 34.51 -1.04 -10.20
N PHE A 180 33.32 -0.49 -9.96
CA PHE A 180 32.29 -0.43 -11.02
C PHE A 180 32.74 0.41 -12.21
N LYS A 181 33.28 1.60 -11.95
CA LYS A 181 33.78 2.46 -13.03
C LYS A 181 34.85 1.75 -13.88
N LYS A 182 35.80 1.14 -13.21
CA LYS A 182 36.89 0.37 -13.85
C LYS A 182 36.34 -0.75 -14.75
N TRP A 183 35.60 -1.69 -14.17
CA TRP A 183 35.13 -2.87 -14.89
C TRP A 183 34.05 -2.62 -15.94
N LEU A 184 33.15 -1.66 -15.70
CA LEU A 184 32.07 -1.37 -16.66
C LEU A 184 32.61 -0.87 -18.01
N ALA A 185 33.68 -0.07 -17.96
CA ALA A 185 34.36 0.41 -19.16
C ALA A 185 35.06 -0.70 -19.95
N ARG A 186 35.35 -1.83 -19.29
CA ARG A 186 35.98 -2.98 -19.97
C ARG A 186 34.99 -3.98 -20.58
N VAL A 187 33.70 -3.87 -20.25
CA VAL A 187 32.70 -4.84 -20.73
C VAL A 187 32.48 -4.69 -22.23
N GLY A 188 32.46 -5.83 -22.93
CA GLY A 188 32.17 -5.88 -24.36
C GLY A 188 30.81 -6.45 -24.63
N ASN A 189 30.48 -6.58 -25.91
CA ASN A 189 29.16 -7.06 -26.33
C ASN A 189 29.21 -8.13 -27.44
N ASN A 190 30.30 -8.87 -27.50
CA ASN A 190 30.46 -9.96 -28.46
C ASN A 190 29.69 -11.20 -28.00
N ASN A 191 28.38 -11.19 -28.23
CA ASN A 191 27.49 -12.31 -27.90
C ASN A 191 26.28 -12.27 -28.82
N ALA A 192 25.43 -13.29 -28.74
CA ALA A 192 24.28 -13.44 -29.65
C ALA A 192 23.33 -12.22 -29.69
N GLN A 193 23.15 -11.56 -28.55
CA GLN A 193 22.23 -10.41 -28.44
C GLN A 193 22.90 -9.04 -28.68
N GLY A 194 24.23 -9.00 -28.61
CA GLY A 194 24.99 -7.78 -28.88
C GLY A 194 24.84 -6.71 -27.81
N GLU A 195 24.76 -7.15 -26.56
CA GLU A 195 24.53 -6.24 -25.42
C GLU A 195 25.66 -6.34 -24.42
N TYR A 196 25.84 -5.27 -23.65
CA TYR A 196 26.87 -5.22 -22.62
C TYR A 196 26.27 -5.79 -21.34
N TYR A 197 26.76 -6.95 -20.94
CA TYR A 197 26.18 -7.70 -19.81
C TYR A 197 26.88 -7.40 -18.50
N LEU A 198 26.10 -7.13 -17.47
CA LEU A 198 26.61 -6.91 -16.11
C LEU A 198 27.26 -8.20 -15.58
N THR A 199 26.80 -9.36 -16.06
CA THR A 199 27.35 -10.67 -15.67
CA THR A 199 27.36 -10.65 -15.62
C THR A 199 28.85 -10.77 -15.93
N ASP A 200 29.32 -10.07 -16.96
CA ASP A 200 30.74 -10.07 -17.33
C ASP A 200 31.66 -9.47 -16.28
N LEU A 201 31.10 -8.77 -15.29
CA LEU A 201 31.93 -8.23 -14.19
C LEU A 201 32.49 -9.35 -13.30
N ILE A 202 31.82 -10.50 -13.27
CA ILE A 202 32.34 -11.66 -12.53
C ILE A 202 33.65 -12.11 -13.17
N ALA A 203 33.64 -12.26 -14.49
CA ALA A 203 34.84 -12.61 -15.26
C ALA A 203 35.93 -11.53 -15.14
N LEU A 204 35.54 -10.27 -15.30
CA LEU A 204 36.50 -9.15 -15.21
C LEU A 204 37.10 -9.00 -13.81
N ALA A 205 36.33 -9.38 -12.79
CA ALA A 205 36.82 -9.34 -11.41
C ALA A 205 37.91 -10.38 -11.19
N ASN A 206 37.66 -11.62 -11.62
CA ASN A 206 38.62 -12.72 -11.47
C ASN A 206 39.87 -12.51 -12.34
N GLN A 207 39.66 -12.13 -13.59
CA GLN A 207 40.74 -11.73 -14.51
C GLN A 207 41.63 -10.61 -13.92
N ASP A 208 41.09 -9.91 -12.93
CA ASP A 208 41.78 -8.83 -12.23
C ASP A 208 42.24 -9.28 -10.83
N ASN A 209 42.16 -10.59 -10.57
CA ASN A 209 42.51 -11.19 -9.26
C ASN A 209 41.73 -10.62 -8.07
N CYS A 210 40.43 -10.37 -8.28
CA CYS A 210 39.56 -9.87 -7.23
C CYS A 210 38.49 -10.90 -6.88
N GLN A 211 38.13 -10.92 -5.60
CA GLN A 211 37.31 -11.96 -5.02
C GLN A 211 35.81 -11.69 -5.23
N VAL A 212 35.09 -12.68 -5.75
CA VAL A 212 33.62 -12.63 -5.87
C VAL A 212 32.99 -13.67 -4.93
N VAL A 213 32.20 -13.21 -3.96
CA VAL A 213 31.59 -14.07 -2.94
C VAL A 213 30.08 -14.19 -3.15
N ALA A 214 29.55 -15.42 -3.06
CA ALA A 214 28.12 -15.68 -3.25
C ALA A 214 27.34 -15.68 -1.93
N VAL A 215 26.16 -15.06 -1.96
CA VAL A 215 25.25 -15.02 -0.81
C VAL A 215 23.87 -15.48 -1.29
N GLN A 216 23.27 -16.42 -0.57
CA GLN A 216 22.02 -17.03 -1.02
C GLN A 216 20.80 -16.25 -0.51
N ALA A 217 19.80 -16.10 -1.38
CA ALA A 217 18.55 -15.45 -0.99
C ALA A 217 17.74 -16.38 -0.09
N THR A 218 16.95 -15.79 0.81
CA THR A 218 16.11 -16.57 1.73
C THR A 218 15.00 -17.27 0.94
N ASP A 219 14.22 -16.48 0.23
CA ASP A 219 13.12 -17.00 -0.57
C ASP A 219 13.31 -16.65 -2.04
N VAL A 220 13.03 -17.59 -2.93
CA VAL A 220 13.12 -17.34 -4.36
C VAL A 220 12.17 -16.23 -4.81
N MET A 221 11.05 -16.07 -4.11
CA MET A 221 10.06 -15.07 -4.47
C MET A 221 10.58 -13.63 -4.37
N GLU A 222 11.64 -13.46 -3.58
CA GLU A 222 12.20 -12.17 -3.32
C GLU A 222 13.19 -11.71 -4.42
N VAL A 223 13.49 -12.60 -5.38
CA VAL A 223 14.23 -12.23 -6.58
C VAL A 223 13.41 -12.38 -7.87
N GLU A 224 12.16 -12.85 -7.75
CA GLU A 224 11.29 -13.03 -8.90
C GLU A 224 10.84 -11.68 -9.46
N GLY A 225 10.77 -11.60 -10.78
CA GLY A 225 10.22 -10.42 -11.45
C GLY A 225 8.86 -10.70 -12.06
N ALA A 226 8.08 -9.66 -12.30
CA ALA A 226 6.75 -9.81 -12.87
C ALA A 226 6.79 -9.27 -14.29
N ASN A 227 6.62 -10.15 -15.28
CA ASN A 227 6.61 -9.75 -16.70
C ASN A 227 5.19 -9.68 -17.29
N ASN A 228 4.21 -10.15 -16.53
CA ASN A 228 2.80 -10.05 -16.90
C ASN A 228 1.94 -10.03 -15.61
N ARG A 229 0.63 -9.88 -15.76
CA ARG A 229 -0.25 -9.69 -14.60
C ARG A 229 -0.43 -10.97 -13.79
N LEU A 230 -0.29 -12.12 -14.45
CA LEU A 230 -0.37 -13.42 -13.78
C LEU A 230 0.78 -13.54 -12.79
N GLN A 231 1.98 -13.15 -13.21
CA GLN A 231 3.17 -13.18 -12.33
C GLN A 231 3.07 -12.13 -11.23
N LEU A 232 2.54 -10.96 -11.59
CA LEU A 232 2.29 -9.89 -10.62
C LEU A 232 1.33 -10.38 -9.53
N ALA A 233 0.25 -11.07 -9.93
CA ALA A 233 -0.73 -11.61 -8.98
C ALA A 233 -0.13 -12.65 -8.04
N ALA A 234 0.83 -13.43 -8.53
CA ALA A 234 1.54 -14.39 -7.68
C ALA A 234 2.47 -13.67 -6.68
N LEU A 235 3.08 -12.57 -7.09
CA LEU A 235 3.90 -11.79 -6.15
C LEU A 235 2.99 -11.13 -5.09
N GLU A 236 1.83 -10.65 -5.51
CA GLU A 236 0.82 -10.09 -4.61
C GLU A 236 0.42 -11.10 -3.51
N ARG A 237 0.02 -12.32 -3.90
CA ARG A 237 -0.42 -13.28 -2.88
CA ARG A 237 -0.38 -13.37 -2.93
C ARG A 237 0.72 -13.70 -1.93
N TYR A 238 1.93 -13.87 -2.44
CA TYR A 238 3.08 -14.16 -1.57
C TYR A 238 3.30 -13.05 -0.53
N PHE A 239 3.19 -11.81 -0.98
CA PHE A 239 3.46 -10.64 -0.16
C PHE A 239 2.36 -10.50 0.90
N GLN A 240 1.09 -10.64 0.49
CA GLN A 240 -0.02 -10.60 1.44
C GLN A 240 0.08 -11.70 2.48
N ASN A 241 0.41 -12.93 2.06
CA ASN A 241 0.54 -14.05 2.99
CA ASN A 241 0.52 -14.04 3.00
C ASN A 241 1.59 -13.76 4.05
N LYS A 242 2.69 -13.15 3.61
CA LYS A 242 3.80 -12.84 4.48
C LYS A 242 3.47 -11.68 5.46
N GLN A 243 2.74 -10.68 4.99
CA GLN A 243 2.23 -9.62 5.87
C GLN A 243 1.27 -10.19 6.91
N ALA A 244 0.35 -11.03 6.46
CA ALA A 244 -0.63 -11.66 7.33
C ALA A 244 0.02 -12.55 8.38
N SER A 245 1.01 -13.36 8.00
CA SER A 245 1.74 -14.21 8.95
C SER A 245 2.44 -13.40 10.03
N LYS A 246 3.00 -12.26 9.64
CA LYS A 246 3.68 -11.39 10.59
C LYS A 246 2.69 -10.84 11.61
N LEU A 247 1.55 -10.36 11.15
CA LEU A 247 0.54 -9.83 12.05
C LEU A 247 0.03 -10.93 13.02
N LEU A 248 -0.15 -12.15 12.51
CA LEU A 248 -0.62 -13.27 13.32
C LEU A 248 0.35 -13.63 14.44
N LEU A 249 1.64 -13.70 14.12
CA LEU A 249 2.68 -13.93 15.14
C LEU A 249 2.79 -12.76 16.15
N GLU A 250 2.39 -11.56 15.74
CA GLU A 250 2.31 -10.41 16.66
C GLU A 250 1.05 -10.43 17.54
N GLY A 251 0.13 -11.37 17.30
CA GLY A 251 -1.07 -11.53 18.10
C GLY A 251 -2.35 -10.94 17.52
N VAL A 252 -2.36 -10.57 16.24
CA VAL A 252 -3.59 -10.14 15.61
C VAL A 252 -4.31 -11.41 15.16
N MET A 253 -5.54 -11.60 15.61
CA MET A 253 -6.34 -12.74 15.17
CA MET A 253 -6.33 -12.76 15.16
C MET A 253 -6.96 -12.44 13.81
N ILE A 254 -6.35 -12.95 12.75
CA ILE A 254 -6.89 -12.85 11.40
C ILE A 254 -7.50 -14.20 11.12
N TYR A 255 -8.83 -14.25 11.00
CA TYR A 255 -9.58 -15.51 10.96
C TYR A 255 -9.17 -16.40 9.77
N ASP A 256 -8.98 -15.77 8.60
CA ASP A 256 -8.44 -16.44 7.41
C ASP A 256 -7.39 -15.52 6.77
N PRO A 257 -6.09 -15.87 6.90
CA PRO A 257 -5.08 -15.01 6.28
C PRO A 257 -5.08 -15.03 4.74
N ALA A 258 -5.69 -16.02 4.11
CA ALA A 258 -5.83 -16.02 2.64
C ALA A 258 -6.93 -15.05 2.15
N ARG A 259 -7.75 -14.54 3.07
CA ARG A 259 -8.79 -13.56 2.75
C ARG A 259 -8.62 -12.27 3.56
N PHE A 260 -7.41 -11.74 3.50
CA PHE A 260 -7.04 -10.52 4.20
C PHE A 260 -6.08 -9.76 3.30
N ASP A 261 -6.26 -8.46 3.18
CA ASP A 261 -5.38 -7.61 2.36
C ASP A 261 -4.94 -6.38 3.14
N LEU A 262 -3.63 -6.16 3.21
CA LEU A 262 -3.06 -4.94 3.75
C LEU A 262 -2.32 -4.24 2.61
N ARG A 263 -2.74 -3.00 2.35
CA ARG A 263 -2.20 -2.17 1.29
C ARG A 263 -1.80 -0.86 1.92
N GLY A 264 -0.72 -0.91 2.71
CA GLY A 264 -0.26 0.22 3.50
C GLY A 264 0.41 -0.25 4.78
N THR A 265 0.15 0.46 5.88
CA THR A 265 0.71 0.13 7.20
C THR A 265 -0.40 0.00 8.23
N LEU A 266 -0.25 -0.97 9.13
CA LEU A 266 -1.23 -1.23 10.18
C LEU A 266 -0.51 -1.19 11.52
N GLU A 267 -0.95 -0.29 12.40
CA GLU A 267 -0.57 -0.28 13.81
C GLU A 267 -1.71 -0.90 14.61
N HIS A 268 -1.40 -1.75 15.59
CA HIS A 268 -2.43 -2.49 16.30
C HIS A 268 -2.15 -2.67 17.79
N GLY A 269 -3.23 -2.67 18.57
CA GLY A 269 -3.15 -3.05 19.97
C GLY A 269 -3.16 -4.56 20.11
N LYS A 270 -3.54 -5.02 21.29
CA LYS A 270 -3.66 -6.45 21.52
C LYS A 270 -5.11 -6.92 21.47
N ASP A 271 -5.29 -8.22 21.26
CA ASP A 271 -6.61 -8.85 21.14
C ASP A 271 -7.49 -8.24 20.02
N VAL A 272 -6.86 -7.81 18.94
CA VAL A 272 -7.56 -7.37 17.75
C VAL A 272 -8.04 -8.59 16.94
N GLU A 273 -9.30 -8.55 16.52
CA GLU A 273 -9.90 -9.62 15.72
C GLU A 273 -10.37 -9.08 14.39
N ILE A 274 -9.96 -9.74 13.31
CA ILE A 274 -10.29 -9.33 11.94
C ILE A 274 -10.90 -10.54 11.20
N ASP A 275 -12.17 -10.43 10.85
CA ASP A 275 -12.90 -11.53 10.17
C ASP A 275 -12.53 -11.56 8.68
N VAL A 276 -13.11 -12.49 7.94
CA VAL A 276 -12.68 -12.74 6.57
C VAL A 276 -13.09 -11.59 5.63
N ASN A 277 -12.29 -11.41 4.56
CA ASN A 277 -12.52 -10.41 3.51
C ASN A 277 -12.49 -8.96 4.01
N VAL A 278 -11.44 -8.63 4.72
CA VAL A 278 -11.23 -7.26 5.15
C VAL A 278 -10.05 -6.70 4.36
N ILE A 279 -10.16 -5.41 4.02
CA ILE A 279 -9.14 -4.68 3.28
C ILE A 279 -8.73 -3.45 4.10
N ILE A 280 -7.43 -3.36 4.37
CA ILE A 280 -6.84 -2.30 5.18
C ILE A 280 -5.94 -1.50 4.25
N GLU A 281 -6.25 -0.23 4.05
CA GLU A 281 -5.51 0.62 3.09
C GLU A 281 -4.94 1.88 3.72
N GLY A 282 -3.79 2.32 3.21
CA GLY A 282 -3.16 3.54 3.68
C GLY A 282 -2.62 3.30 5.06
N ASN A 283 -2.63 4.34 5.90
CA ASN A 283 -2.21 4.20 7.28
C ASN A 283 -3.40 4.02 8.20
N VAL A 284 -3.44 2.86 8.85
CA VAL A 284 -4.51 2.51 9.74
C VAL A 284 -3.96 2.20 11.14
N LYS A 285 -4.63 2.72 12.15
CA LYS A 285 -4.30 2.45 13.54
C LYS A 285 -5.52 1.88 14.28
N LEU A 286 -5.33 0.71 14.90
CA LEU A 286 -6.38 0.02 15.67
C LEU A 286 -5.95 -0.14 17.12
N GLY A 287 -6.77 0.32 18.06
CA GLY A 287 -6.48 0.17 19.50
C GLY A 287 -6.63 -1.27 19.95
N ASP A 288 -6.68 -1.47 21.27
CA ASP A 288 -6.90 -2.78 21.87
C ASP A 288 -8.33 -3.28 21.70
N ARG A 289 -8.48 -4.59 21.48
CA ARG A 289 -9.77 -5.29 21.41
C ARG A 289 -10.72 -4.72 20.36
N VAL A 290 -10.18 -4.18 19.28
CA VAL A 290 -11.01 -3.80 18.14
C VAL A 290 -11.43 -5.09 17.42
N LYS A 291 -12.72 -5.17 17.09
CA LYS A 291 -13.25 -6.28 16.31
C LYS A 291 -13.75 -5.72 14.98
N ILE A 292 -13.30 -6.31 13.88
CA ILE A 292 -13.70 -5.90 12.55
C ILE A 292 -14.42 -7.07 11.86
N GLY A 293 -15.66 -6.86 11.49
CA GLY A 293 -16.52 -7.88 10.88
C GLY A 293 -16.22 -8.12 9.42
N THR A 294 -16.90 -9.10 8.82
CA THR A 294 -16.58 -9.49 7.45
C THR A 294 -16.89 -8.37 6.46
N GLY A 295 -16.04 -8.22 5.45
CA GLY A 295 -16.33 -7.34 4.32
C GLY A 295 -15.98 -5.87 4.50
N CYS A 296 -15.38 -5.53 5.62
CA CYS A 296 -15.10 -4.13 5.90
C CYS A 296 -13.88 -3.63 5.14
N VAL A 297 -13.93 -2.35 4.77
CA VAL A 297 -12.81 -1.65 4.12
C VAL A 297 -12.44 -0.42 4.98
N LEU A 298 -11.19 -0.39 5.43
CA LEU A 298 -10.69 0.70 6.24
C LEU A 298 -9.52 1.35 5.52
N LYS A 299 -9.65 2.63 5.20
CA LYS A 299 -8.59 3.37 4.53
C LYS A 299 -8.28 4.66 5.29
N ASN A 300 -7.06 4.77 5.81
CA ASN A 300 -6.58 5.96 6.51
C ASN A 300 -7.49 6.32 7.69
N VAL A 301 -7.54 5.42 8.67
CA VAL A 301 -8.43 5.60 9.82
C VAL A 301 -7.70 5.34 11.12
N VAL A 302 -8.15 6.00 12.18
CA VAL A 302 -7.74 5.69 13.53
C VAL A 302 -8.98 5.17 14.26
N ILE A 303 -8.87 3.97 14.82
CA ILE A 303 -9.95 3.33 15.56
C ILE A 303 -9.49 3.12 17.01
N GLY A 304 -10.27 3.63 17.96
CA GLY A 304 -9.92 3.56 19.38
C GLY A 304 -10.11 2.19 20.00
N ASN A 305 -9.69 2.05 21.26
CA ASN A 305 -9.89 0.81 22.01
C ASN A 305 -11.36 0.36 22.05
N ASP A 306 -11.59 -0.96 21.96
CA ASP A 306 -12.89 -1.56 22.25
C ASP A 306 -14.00 -1.19 21.24
N VAL A 307 -13.60 -0.80 20.03
CA VAL A 307 -14.58 -0.51 18.98
C VAL A 307 -14.95 -1.82 18.25
N GLU A 308 -16.24 -2.01 17.97
CA GLU A 308 -16.67 -3.07 17.06
C GLU A 308 -17.20 -2.46 15.77
N ILE A 309 -16.64 -2.91 14.65
CA ILE A 309 -17.11 -2.55 13.32
C ILE A 309 -17.79 -3.79 12.76
N LYS A 310 -19.08 -3.68 12.47
CA LYS A 310 -19.89 -4.80 12.00
C LYS A 310 -19.82 -4.91 10.48
N PRO A 311 -20.30 -6.05 9.94
CA PRO A 311 -20.04 -6.35 8.54
C PRO A 311 -20.39 -5.29 7.48
N TYR A 312 -19.58 -5.25 6.42
CA TYR A 312 -19.82 -4.43 5.24
C TYR A 312 -19.91 -2.97 5.58
N SER A 313 -18.90 -2.47 6.30
CA SER A 313 -18.74 -1.07 6.57
C SER A 313 -17.50 -0.55 5.82
N VAL A 314 -17.63 0.64 5.24
CA VAL A 314 -16.57 1.26 4.45
C VAL A 314 -16.24 2.60 5.11
N LEU A 315 -14.97 2.75 5.50
CA LEU A 315 -14.50 3.88 6.27
C LEU A 315 -13.26 4.48 5.63
N GLU A 316 -13.24 5.80 5.48
CA GLU A 316 -12.08 6.51 4.93
C GLU A 316 -11.81 7.83 5.62
N ASP A 317 -10.53 8.14 5.82
CA ASP A 317 -10.10 9.42 6.40
CA ASP A 317 -10.08 9.42 6.41
C ASP A 317 -10.94 9.82 7.61
N SER A 318 -11.08 8.90 8.56
CA SER A 318 -11.96 9.08 9.70
C SER A 318 -11.32 8.72 11.02
N ILE A 319 -11.87 9.27 12.10
CA ILE A 319 -11.46 8.96 13.45
C ILE A 319 -12.67 8.43 14.23
N VAL A 320 -12.46 7.35 14.99
CA VAL A 320 -13.51 6.68 15.77
C VAL A 320 -13.03 6.44 17.21
N GLY A 321 -13.72 7.04 18.18
CA GLY A 321 -13.29 7.01 19.59
C GLY A 321 -13.63 5.70 20.28
N GLU A 322 -13.12 5.52 21.49
CA GLU A 322 -13.22 4.21 22.14
C GLU A 322 -14.67 3.81 22.46
N LYS A 323 -14.93 2.51 22.34
CA LYS A 323 -16.23 1.90 22.65
C LYS A 323 -17.35 2.27 21.67
N ALA A 324 -17.03 2.85 20.53
CA ALA A 324 -18.02 3.14 19.51
C ALA A 324 -18.49 1.82 18.90
N ALA A 325 -19.67 1.85 18.28
CA ALA A 325 -20.18 0.71 17.51
C ALA A 325 -20.54 1.25 16.13
N ILE A 326 -20.02 0.60 15.09
CA ILE A 326 -20.28 1.02 13.72
C ILE A 326 -20.78 -0.20 12.95
N GLY A 327 -21.78 0.01 12.10
CA GLY A 327 -22.26 -1.02 11.19
C GLY A 327 -23.43 -1.83 11.69
N PRO A 328 -23.89 -2.82 10.89
CA PRO A 328 -23.37 -3.13 9.58
C PRO A 328 -23.83 -2.09 8.53
N PHE A 329 -23.24 -2.14 7.34
CA PHE A 329 -23.66 -1.29 6.22
C PHE A 329 -23.53 0.20 6.53
N SER A 330 -22.48 0.58 7.28
CA SER A 330 -22.23 1.99 7.56
C SER A 330 -21.16 2.55 6.62
N ARG A 331 -21.32 3.82 6.29
CA ARG A 331 -20.33 4.50 5.48
C ARG A 331 -19.81 5.78 6.11
N LEU A 332 -18.50 5.80 6.33
CA LEU A 332 -17.80 6.94 6.86
C LEU A 332 -16.92 7.52 5.77
N ARG A 333 -17.24 8.74 5.36
CA ARG A 333 -16.49 9.44 4.32
C ARG A 333 -15.49 10.40 4.98
N PRO A 334 -14.55 10.96 4.18
CA PRO A 334 -13.50 11.81 4.75
C PRO A 334 -13.99 12.92 5.69
N GLY A 335 -13.30 13.05 6.83
CA GLY A 335 -13.66 14.05 7.83
C GLY A 335 -14.69 13.59 8.86
N ALA A 336 -15.11 12.33 8.81
CA ALA A 336 -16.02 11.82 9.84
C ALA A 336 -15.22 11.64 11.11
N GLU A 337 -15.60 12.36 12.17
CA GLU A 337 -14.99 12.20 13.50
C GLU A 337 -16.04 11.77 14.52
N LEU A 338 -15.94 10.54 14.99
CA LEU A 338 -16.88 9.99 15.96
C LEU A 338 -16.20 9.90 17.32
N ALA A 339 -16.82 10.52 18.32
CA ALA A 339 -16.32 10.48 19.69
C ALA A 339 -16.61 9.12 20.33
N ALA A 340 -16.16 8.97 21.58
CA ALA A 340 -16.34 7.74 22.34
C ALA A 340 -17.82 7.38 22.52
N GLU A 341 -18.12 6.09 22.49
CA GLU A 341 -19.44 5.55 22.84
C GLU A 341 -20.56 5.99 21.89
N THR A 342 -20.20 6.29 20.65
CA THR A 342 -21.17 6.65 19.64
C THR A 342 -21.70 5.40 18.91
N HIS A 343 -22.82 5.54 18.23
CA HIS A 343 -23.43 4.44 17.51
C HIS A 343 -23.79 4.89 16.12
N VAL A 344 -23.27 4.19 15.11
CA VAL A 344 -23.63 4.45 13.72
C VAL A 344 -24.13 3.12 13.11
N GLY A 345 -25.35 3.14 12.58
CA GLY A 345 -26.05 1.92 12.16
C GLY A 345 -26.18 1.73 10.67
N ASN A 346 -27.12 0.87 10.27
CA ASN A 346 -27.20 0.45 8.88
C ASN A 346 -27.74 1.52 7.93
N PHE A 347 -27.14 1.58 6.75
CA PHE A 347 -27.58 2.51 5.70
C PHE A 347 -27.45 3.97 6.15
N VAL A 348 -26.35 4.25 6.85
CA VAL A 348 -26.05 5.59 7.33
C VAL A 348 -24.73 6.06 6.70
N GLU A 349 -24.75 7.28 6.18
CA GLU A 349 -23.59 7.90 5.58
C GLU A 349 -23.26 9.14 6.40
N ILE A 350 -22.01 9.23 6.87
CA ILE A 350 -21.49 10.40 7.58
C ILE A 350 -20.31 10.99 6.77
N LYS A 351 -20.47 12.23 6.34
CA LYS A 351 -19.41 12.93 5.61
C LYS A 351 -19.00 14.20 6.33
N LYS A 352 -17.70 14.35 6.57
CA LYS A 352 -17.13 15.59 7.09
C LYS A 352 -17.91 16.19 8.28
N SER A 353 -18.07 15.39 9.30
CA SER A 353 -18.87 15.78 10.45
C SER A 353 -18.29 15.21 11.72
N THR A 354 -18.53 15.94 12.81
CA THR A 354 -18.12 15.54 14.14
C THR A 354 -19.39 15.15 14.87
N VAL A 355 -19.34 14.01 15.56
CA VAL A 355 -20.49 13.47 16.29
C VAL A 355 -20.03 13.22 17.74
N GLY A 356 -20.70 13.85 18.70
CA GLY A 356 -20.24 13.87 20.09
C GLY A 356 -20.55 12.62 20.89
N LYS A 357 -19.98 12.55 22.08
CA LYS A 357 -19.98 11.32 22.88
C LYS A 357 -21.39 10.81 23.18
N GLY A 358 -21.62 9.51 22.96
CA GLY A 358 -22.90 8.87 23.30
C GLY A 358 -24.03 9.03 22.29
N SER A 359 -23.83 9.86 21.28
CA SER A 359 -24.85 10.11 20.28
C SER A 359 -25.09 8.89 19.39
N LYS A 360 -26.32 8.76 18.91
CA LYS A 360 -26.66 7.68 17.99
C LYS A 360 -27.27 8.17 16.68
N VAL A 361 -26.80 7.54 15.60
CA VAL A 361 -27.30 7.75 14.25
C VAL A 361 -27.50 6.33 13.65
N ASN A 362 -28.66 5.72 13.88
CA ASN A 362 -28.79 4.28 13.64
C ASN A 362 -29.51 3.76 12.37
N HIS A 363 -30.10 4.62 11.54
CA HIS A 363 -30.80 4.11 10.34
C HIS A 363 -31.02 5.13 9.22
N LEU A 364 -30.63 4.79 8.00
CA LEU A 364 -31.22 5.40 6.80
C LEU A 364 -31.09 6.94 6.80
N THR A 365 -29.88 7.40 7.08
CA THR A 365 -29.59 8.78 7.41
C THR A 365 -28.33 9.28 6.68
N TYR A 366 -28.38 10.52 6.21
CA TYR A 366 -27.20 11.25 5.70
C TYR A 366 -26.93 12.47 6.58
N VAL A 367 -25.75 12.50 7.19
CA VAL A 367 -25.24 13.65 7.93
C VAL A 367 -23.97 14.16 7.24
N GLY A 368 -24.04 15.36 6.70
CA GLY A 368 -22.92 15.96 5.98
C GLY A 368 -22.60 17.35 6.48
N ASP A 369 -21.31 17.68 6.54
CA ASP A 369 -20.86 19.01 6.96
C ASP A 369 -21.53 19.49 8.23
N SER A 370 -21.56 18.64 9.25
CA SER A 370 -22.24 18.97 10.49
C SER A 370 -21.38 18.82 11.72
N GLU A 371 -21.83 19.48 12.79
CA GLU A 371 -21.37 19.22 14.13
C GLU A 371 -22.57 18.74 14.91
N ILE A 372 -22.44 17.58 15.55
CA ILE A 372 -23.46 17.03 16.44
C ILE A 372 -22.83 16.87 17.81
N GLY A 373 -23.53 17.31 18.84
CA GLY A 373 -23.01 17.28 20.20
C GLY A 373 -23.15 15.92 20.85
N SER A 374 -23.12 15.92 22.18
CA SER A 374 -23.12 14.70 22.97
C SER A 374 -24.53 14.25 23.38
N ASN A 375 -24.73 12.93 23.38
CA ASN A 375 -26.00 12.31 23.76
C ASN A 375 -27.19 12.81 22.94
N CYS A 376 -26.98 12.97 21.63
CA CYS A 376 -28.06 13.26 20.70
C CYS A 376 -28.66 11.96 20.16
N ASN A 377 -29.90 12.06 19.73
CA ASN A 377 -30.62 10.94 19.14
C ASN A 377 -31.09 11.42 17.76
N ILE A 378 -30.40 10.94 16.72
CA ILE A 378 -30.72 11.31 15.34
C ILE A 378 -31.56 10.18 14.74
N GLY A 379 -32.83 10.47 14.51
CA GLY A 379 -33.80 9.45 14.14
C GLY A 379 -33.59 8.89 12.74
N ALA A 380 -34.31 7.80 12.45
CA ALA A 380 -34.26 7.19 11.15
C ALA A 380 -34.75 8.16 10.06
N GLY A 381 -34.03 8.20 8.94
CA GLY A 381 -34.48 8.95 7.77
C GLY A 381 -34.14 10.41 7.77
N VAL A 382 -33.35 10.84 8.74
CA VAL A 382 -32.97 12.24 8.87
C VAL A 382 -31.92 12.57 7.82
N ILE A 383 -32.05 13.75 7.21
CA ILE A 383 -31.14 14.18 6.14
C ILE A 383 -30.69 15.62 6.36
N THR A 384 -29.38 15.84 6.36
CA THR A 384 -28.85 17.20 6.28
C THR A 384 -28.75 17.60 4.80
N CYS A 385 -29.28 18.76 4.43
CA CYS A 385 -29.24 19.20 3.04
C CYS A 385 -28.98 20.71 2.87
N ASN A 386 -28.92 21.14 1.62
CA ASN A 386 -28.62 22.52 1.25
C ASN A 386 -29.66 23.11 0.30
N TYR A 387 -29.70 24.45 0.26
CA TYR A 387 -30.45 25.16 -0.79
C TYR A 387 -29.75 24.97 -2.13
N ASP A 388 -30.53 25.14 -3.20
CA ASP A 388 -30.01 25.08 -4.58
C ASP A 388 -29.11 26.31 -4.78
N GLY A 389 -27.89 26.08 -5.27
CA GLY A 389 -26.94 27.17 -5.51
C GLY A 389 -26.04 27.45 -4.32
N ALA A 390 -26.23 26.69 -3.23
CA ALA A 390 -25.44 26.84 -2.02
C ALA A 390 -24.09 26.16 -2.19
N ASN A 391 -23.22 26.33 -1.19
CA ASN A 391 -21.85 25.86 -1.26
C ASN A 391 -21.52 24.97 -0.06
N LYS A 392 -22.37 23.96 0.16
CA LYS A 392 -22.21 23.02 1.26
C LYS A 392 -22.00 23.75 2.61
N PHE A 393 -23.07 24.32 3.16
CA PHE A 393 -23.02 25.04 4.41
C PHE A 393 -23.28 24.09 5.59
N LYS A 394 -23.13 24.60 6.81
CA LYS A 394 -23.06 23.77 8.01
C LYS A 394 -24.35 23.66 8.82
N THR A 395 -24.55 22.47 9.39
CA THR A 395 -25.64 22.19 10.31
C THR A 395 -24.98 21.96 11.68
N ILE A 396 -25.33 22.81 12.65
CA ILE A 396 -24.78 22.71 14.01
C ILE A 396 -25.85 22.25 14.98
N ILE A 397 -25.66 21.06 15.55
CA ILE A 397 -26.57 20.51 16.55
C ILE A 397 -25.85 20.41 17.89
N GLY A 398 -26.45 20.95 18.94
CA GLY A 398 -25.83 21.00 20.27
C GLY A 398 -25.90 19.67 21.01
N ASP A 399 -25.93 19.74 22.34
CA ASP A 399 -25.96 18.54 23.18
C ASP A 399 -27.39 18.18 23.56
N ASP A 400 -27.63 16.88 23.73
CA ASP A 400 -28.89 16.39 24.27
C ASP A 400 -30.08 16.78 23.39
N VAL A 401 -29.88 16.76 22.07
CA VAL A 401 -30.94 17.06 21.12
C VAL A 401 -31.60 15.78 20.61
N PHE A 402 -32.93 15.80 20.52
CA PHE A 402 -33.70 14.72 19.90
C PHE A 402 -34.20 15.21 18.52
N VAL A 403 -33.81 14.52 17.45
CA VAL A 403 -34.28 14.84 16.10
C VAL A 403 -35.15 13.69 15.59
N GLY A 404 -36.45 13.97 15.40
CA GLY A 404 -37.43 12.97 15.03
C GLY A 404 -37.23 12.43 13.62
N SER A 405 -37.74 11.23 13.40
CA SER A 405 -37.50 10.48 12.18
CA SER A 405 -37.49 10.49 12.18
C SER A 405 -37.97 11.24 10.91
N ASP A 406 -37.19 11.10 9.84
CA ASP A 406 -37.54 11.68 8.56
C ASP A 406 -37.66 13.20 8.60
N THR A 407 -36.75 13.84 9.32
CA THR A 407 -36.64 15.29 9.38
C THR A 407 -35.50 15.73 8.46
N GLN A 408 -35.72 16.82 7.72
CA GLN A 408 -34.68 17.43 6.91
C GLN A 408 -34.15 18.63 7.66
N LEU A 409 -32.83 18.71 7.77
CA LEU A 409 -32.14 19.84 8.38
C LEU A 409 -31.49 20.63 7.24
N VAL A 410 -32.00 21.85 7.02
CA VAL A 410 -31.60 22.64 5.84
C VAL A 410 -30.54 23.66 6.25
N ALA A 411 -29.29 23.39 5.87
CA ALA A 411 -28.15 24.26 6.23
C ALA A 411 -28.17 25.58 5.43
N PRO A 412 -27.63 26.67 6.01
CA PRO A 412 -27.03 26.77 7.34
C PRO A 412 -28.08 26.94 8.43
N VAL A 413 -27.96 26.12 9.49
CA VAL A 413 -28.94 26.14 10.58
C VAL A 413 -28.29 25.63 11.87
N LYS A 414 -28.77 26.16 12.99
CA LYS A 414 -28.29 25.76 14.31
C LYS A 414 -29.44 25.22 15.13
N VAL A 415 -29.21 24.14 15.86
CA VAL A 415 -30.18 23.61 16.82
C VAL A 415 -29.48 23.54 18.17
N ALA A 416 -29.97 24.31 19.14
CA ALA A 416 -29.27 24.48 20.42
C ALA A 416 -29.54 23.33 21.38
N ASN A 417 -28.82 23.33 22.50
CA ASN A 417 -28.90 22.28 23.51
C ASN A 417 -30.32 21.98 23.97
N GLY A 418 -30.63 20.69 24.09
CA GLY A 418 -31.89 20.24 24.69
C GLY A 418 -33.15 20.39 23.85
N ALA A 419 -33.01 20.82 22.61
CA ALA A 419 -34.13 21.00 21.69
C ALA A 419 -34.71 19.64 21.32
N THR A 420 -36.00 19.62 21.02
CA THR A 420 -36.67 18.42 20.55
C THR A 420 -37.37 18.73 19.24
N ILE A 421 -37.11 17.92 18.23
CA ILE A 421 -37.71 18.12 16.90
C ILE A 421 -38.55 16.88 16.56
N GLY A 422 -39.83 17.10 16.31
CA GLY A 422 -40.76 16.02 16.02
C GLY A 422 -40.54 15.40 14.64
N ALA A 423 -41.13 14.24 14.41
CA ALA A 423 -40.92 13.52 13.14
C ALA A 423 -41.55 14.28 11.95
N GLY A 424 -40.91 14.15 10.79
CA GLY A 424 -41.46 14.68 9.56
C GLY A 424 -41.31 16.17 9.39
N THR A 425 -40.38 16.77 10.13
CA THR A 425 -40.23 18.22 10.17
C THR A 425 -39.23 18.70 9.10
N THR A 426 -39.45 19.90 8.58
CA THR A 426 -38.47 20.57 7.73
C THR A 426 -37.93 21.78 8.51
N ILE A 427 -36.66 21.72 8.89
CA ILE A 427 -36.06 22.73 9.78
C ILE A 427 -35.20 23.68 8.95
N THR A 428 -35.64 24.94 8.86
CA THR A 428 -34.94 25.98 8.10
C THR A 428 -34.45 27.16 8.97
N ARG A 429 -35.11 27.39 10.10
CA ARG A 429 -34.75 28.46 11.05
C ARG A 429 -34.07 27.85 12.27
N ASP A 430 -33.18 28.63 12.90
CA ASP A 430 -32.48 28.16 14.10
C ASP A 430 -33.48 27.78 15.18
N VAL A 431 -33.13 26.75 15.94
CA VAL A 431 -33.97 26.23 17.02
C VAL A 431 -33.25 26.53 18.33
N GLY A 432 -33.96 27.19 19.24
CA GLY A 432 -33.38 27.62 20.51
C GLY A 432 -33.23 26.53 21.55
N GLU A 433 -32.57 26.87 22.66
CA GLU A 433 -32.33 25.94 23.75
C GLU A 433 -33.66 25.49 24.35
N ASN A 434 -33.79 24.19 24.58
CA ASN A 434 -35.03 23.58 25.08
C ASN A 434 -36.31 23.93 24.30
N GLU A 435 -36.18 24.18 23.00
CA GLU A 435 -37.33 24.45 22.16
C GLU A 435 -37.87 23.15 21.55
N LEU A 436 -39.19 22.96 21.64
CA LEU A 436 -39.86 21.84 21.01
C LEU A 436 -40.51 22.34 19.72
N VAL A 437 -40.23 21.65 18.61
CA VAL A 437 -40.75 22.01 17.29
C VAL A 437 -41.50 20.80 16.70
N ILE A 438 -42.82 20.94 16.56
CA ILE A 438 -43.68 19.86 16.05
C ILE A 438 -44.33 20.34 14.76
N THR A 439 -44.43 19.45 13.78
CA THR A 439 -45.08 19.80 12.51
C THR A 439 -46.59 19.61 12.64
N ARG A 440 -47.34 20.63 12.23
CA ARG A 440 -48.79 20.54 12.19
C ARG A 440 -49.21 19.96 10.86
N VAL A 441 -49.75 18.75 10.86
CA VAL A 441 -50.20 18.16 9.60
C VAL A 441 -51.68 18.44 9.38
N ALA A 442 -52.05 18.57 8.12
CA ALA A 442 -53.45 18.56 7.71
C ALA A 442 -53.64 17.27 6.96
N GLN A 443 -54.66 16.51 7.34
CA GLN A 443 -54.99 15.26 6.67
C GLN A 443 -56.46 15.24 6.30
N ARG A 444 -56.77 14.53 5.23
CA ARG A 444 -58.13 14.26 4.84
C ARG A 444 -58.39 12.76 5.07
N HIS A 445 -59.41 12.47 5.86
CA HIS A 445 -59.84 11.10 6.12
C HIS A 445 -61.12 10.82 5.32
N ILE A 446 -61.14 9.70 4.60
CA ILE A 446 -62.35 9.22 3.93
C ILE A 446 -62.71 7.85 4.47
N GLN A 447 -63.91 7.72 5.01
CA GLN A 447 -64.35 6.47 5.61
C GLN A 447 -64.93 5.57 4.53
N GLY A 448 -64.81 4.25 4.73
CA GLY A 448 -65.37 3.28 3.81
C GLY A 448 -64.75 3.26 2.43
N TRP A 449 -63.50 3.70 2.31
CA TRP A 449 -62.80 3.64 1.03
C TRP A 449 -62.35 2.19 0.78
N GLN A 450 -62.95 1.55 -0.22
CA GLN A 450 -62.60 0.18 -0.61
C GLN A 450 -61.41 0.20 -1.57
N ARG A 451 -60.31 -0.42 -1.16
CA ARG A 451 -59.12 -0.52 -2.00
C ARG A 451 -59.44 -1.33 -3.25
N PRO A 452 -58.76 -1.02 -4.38
CA PRO A 452 -59.00 -1.75 -5.60
C PRO A 452 -58.29 -3.11 -5.55
N ILE A 453 -58.85 -4.02 -4.75
CA ILE A 453 -58.29 -5.36 -4.60
C ILE A 453 -59.42 -6.38 -4.56
C1 1S8 B . 12.25 -3.03 -15.61
O2 1S8 B . 13.53 -2.46 -15.84
C3 1S8 B . 14.46 -3.45 -16.15
C4 1S8 B . 14.49 -4.71 -15.56
C5 1S8 B . 15.46 -5.64 -15.94
C6 1S8 B . 16.40 -5.30 -16.91
C7 1S8 B . 16.35 -4.05 -17.48
C8 1S8 B . 15.40 -3.13 -17.10
O9 1S8 B . 15.38 -1.88 -17.68
N10 1S8 B . 17.34 -6.17 -17.30
C11 1S8 B . 17.34 -7.37 -16.72
N12 1S8 B . 16.49 -7.77 -15.78
C13 1S8 B . 15.54 -6.90 -15.39
N14 1S8 B . 14.63 -7.31 -14.39
C15 1S8 B . 14.81 -8.50 -13.64
C16 1S8 B . 13.72 -9.27 -13.30
C17 1S8 B . 13.86 -10.44 -12.59
C18 1S8 B . 15.12 -10.86 -12.20
C19 1S8 B . 16.21 -10.10 -12.53
C20 1S8 B . 16.05 -8.93 -13.25
N21 1S8 B . 15.24 -12.06 -11.47
C22 1S8 B . 15.85 -13.16 -12.04
O23 1S8 B . 16.58 -13.15 -13.03
C24 1S8 B . 15.60 -14.45 -11.38
C25 1S8 B . 16.65 -15.27 -11.07
C26 1S8 B . 16.41 -16.48 -10.46
C27 1S8 B . 15.12 -16.86 -10.16
C28 1S8 B . 14.06 -16.03 -10.47
C29 1S8 B . 14.30 -14.82 -11.09
C30 1S8 B . 18.41 -8.32 -17.18
C31 1S8 B . 18.66 -9.54 -16.34
C32 1S8 B . 19.38 -9.45 -15.16
C33 1S8 B . 19.61 -10.57 -14.39
C34 1S8 B . 19.14 -11.79 -14.80
C35 1S8 B . 18.42 -11.89 -15.97
C36 1S8 B . 18.18 -10.77 -16.75
O1 PG4 C . -45.11 15.01 22.37
C1 PG4 C . -44.11 15.01 23.39
C2 PG4 C . -42.76 15.37 22.77
O2 PG4 C . -42.44 14.43 21.74
C3 PG4 C . -41.61 15.02 20.73
C4 PG4 C . -40.95 13.91 19.92
O3 PG4 C . -41.58 13.75 18.65
C5 PG4 C . -41.70 12.37 18.28
C6 PG4 C . -42.01 12.15 16.81
O4 PG4 C . -42.93 13.15 16.32
C7 PG4 C . -44.28 12.68 16.19
C8 PG4 C . -45.09 13.65 15.32
O5 PG4 C . -45.10 14.97 15.87
O1 PG4 D . 28.04 -2.83 -31.46
C1 PG4 D . 28.32 -3.48 -32.70
C2 PG4 D . 29.54 -4.40 -32.53
O2 PG4 D . 29.10 -5.74 -32.31
C3 PG4 D . 30.19 -6.65 -32.14
C4 PG4 D . 29.69 -7.90 -31.44
O3 PG4 D . 28.51 -8.36 -32.09
C5 PG4 D . 27.91 -9.48 -31.42
C6 PG4 D . 26.72 -9.96 -32.25
O4 PG4 D . 25.57 -9.17 -31.94
C7 PG4 D . 24.42 -9.60 -32.65
C8 PG4 D . 23.21 -8.77 -32.24
O5 PG4 D . 22.93 -7.75 -33.21
MG MG E . -40.41 12.80 4.46
MG MG F . -37.53 9.86 3.93
S SO4 G . 9.69 -6.11 -21.59
O1 SO4 G . 10.97 -6.55 -22.15
O2 SO4 G . 9.02 -7.27 -21.00
O3 SO4 G . 8.86 -5.56 -22.66
O4 SO4 G . 9.92 -5.10 -20.56
S SO4 H . -15.40 11.25 -0.85
O1 SO4 H . -13.96 11.08 -1.04
O2 SO4 H . -15.97 10.03 -0.26
O3 SO4 H . -16.05 11.47 -2.14
O4 SO4 H . -15.61 12.42 0.03
S SO4 I . -24.37 15.44 -3.32
O1 SO4 I . -24.13 15.53 -1.89
O2 SO4 I . -23.29 14.67 -3.93
O3 SO4 I . -25.65 14.77 -3.58
O4 SO4 I . -24.42 16.77 -3.92
S SO4 J . 7.21 4.48 -24.89
O1 SO4 J . 7.02 3.30 -24.06
O2 SO4 J . 8.02 4.12 -26.05
O3 SO4 J . 5.90 4.95 -25.34
O4 SO4 J . 7.87 5.54 -24.13
S SO4 K . 8.96 -15.21 -18.27
O1 SO4 K . 9.26 -15.89 -17.01
O2 SO4 K . 10.21 -14.94 -18.98
O3 SO4 K . 8.09 -16.04 -19.10
O4 SO4 K . 8.29 -13.94 -17.99
#